data_3SUX
#
_entry.id   3SUX
#
_cell.length_a   126.173
_cell.length_b   126.173
_cell.length_c   149.222
_cell.angle_alpha   90.00
_cell.angle_beta   90.00
_cell.angle_gamma   120.00
#
_symmetry.space_group_name_H-M   'H 3 2'
#
loop_
_entity.id
_entity.type
_entity.pdbx_description
1 polymer Riboswitch
2 non-polymer 'SODIUM ION'
3 non-polymer '5-HYDROXYMETHYLENE-6-HYDROFOLIC ACID'
4 water water
#
_entity_poly.entity_id   1
_entity_poly.type   'polyribonucleotide'
_entity_poly.pdbx_seq_one_letter_code
;GGACAGAGUAGGUAAACGUGCGUAAAGUGCCUGAGGGACGGGGAGUUGUCCUCAGGACGAACACCGAAAGGUGGCGGUAC
GUUUACCGCAUCUCGCUGUU(CCC)
;
_entity_poly.pdbx_strand_id   X
#